data_7VJT
#
_entry.id   7VJT
#
_cell.length_a   86.900
_cell.length_b   38.430
_cell.length_c   161.078
_cell.angle_alpha   90.000
_cell.angle_beta   101.060
_cell.angle_gamma   90.000
#
_symmetry.space_group_name_H-M   'I 1 2 1'
#
loop_
_entity.id
_entity.type
_entity.pdbx_description
1 polymer 'Polyketide synthase Pks13 (Termination polyketide synthase)'
2 non-polymer 3,8-bis(oxidanyl)-7-(piperidin-1-ylmethyl)-[1]benzofuro[3,2-c]chromen-6-one
3 water water
#
_entity_poly.entity_id   1
_entity_poly.type   'polypeptide(L)'
_entity_poly.pdbx_seq_one_letter_code
;SNIGSGGSQIDGFVRTLRARPEAGGKVPVFVFHPAGGSTVVYEPLLGRLPADTPMYGFERVEGSIEERAQQYVPKLIEMQ
GDGPYVLVGWSLGGVLAYACAIGLRRLGKDVRFVGLIDAVRAGEEIPQTKEEIRKRWDRYAAFAEKTFNVTIPAIPYEQL
EELDDEGQVRFVLDAVSQSGVQIPAGIIEHQRTSYLDNRAIDTAQIQPYDGHVTLYMADRYHDDAIMFEPRYAVRQPDGG
WGEYVSDLEVVPIGGEHIQAIDEPIIAKVGEHMSRALGQIEADRTSEVGKQ
;
_entity_poly.pdbx_strand_id   A,B
#
loop_
_chem_comp.id
_chem_comp.type
_chem_comp.name
_chem_comp.formula
7IJ non-polymer 3,8-bis(oxidanyl)-7-(piperidin-1-ylmethyl)-[1]benzofuro[3,2-c]chromen-6-one 'C21 H19 N O5'
#
# COMPACT_ATOMS: atom_id res chain seq x y z
N SER A 8 -8.33 26.06 2.88
CA SER A 8 -9.55 25.51 2.28
C SER A 8 -10.73 25.64 3.25
N GLN A 9 -11.78 26.31 2.80
CA GLN A 9 -13.01 26.47 3.56
C GLN A 9 -14.10 25.59 2.98
N ILE A 10 -14.95 25.06 3.84
CA ILE A 10 -15.99 24.12 3.47
C ILE A 10 -17.36 24.73 3.73
N ASP A 11 -18.29 24.53 2.79
CA ASP A 11 -19.67 25.02 2.90
C ASP A 11 -20.57 23.94 2.30
N GLY A 12 -21.24 23.17 3.15
CA GLY A 12 -21.99 22.02 2.67
C GLY A 12 -21.01 20.98 2.14
N PHE A 13 -21.14 20.59 0.87
CA PHE A 13 -20.17 19.69 0.27
C PHE A 13 -19.22 20.41 -0.68
N VAL A 14 -19.15 21.74 -0.62
CA VAL A 14 -18.32 22.53 -1.52
C VAL A 14 -17.13 23.09 -0.75
N ARG A 15 -15.93 22.73 -1.19
CA ARG A 15 -14.68 23.24 -0.62
C ARG A 15 -14.12 24.31 -1.54
N THR A 16 -13.82 25.48 -0.98
CA THR A 16 -13.24 26.56 -1.76
C THR A 16 -11.72 26.37 -1.69
N LEU A 17 -11.13 25.98 -2.82
CA LEU A 17 -9.69 25.83 -2.90
C LEU A 17 -9.03 27.11 -3.37
N ARG A 18 -9.67 27.82 -4.31
CA ARG A 18 -9.33 29.20 -4.56
C ARG A 18 -10.59 29.92 -4.99
N ALA A 19 -10.99 30.94 -4.24
CA ALA A 19 -12.23 31.64 -4.56
C ALA A 19 -12.07 32.44 -5.86
N ARG A 20 -13.16 32.49 -6.63
CA ARG A 20 -13.20 33.35 -7.80
C ARG A 20 -13.31 34.81 -7.35
N PRO A 21 -12.94 35.76 -8.22
CA PRO A 21 -13.11 37.18 -7.87
C PRO A 21 -14.58 37.55 -7.71
N GLU A 22 -14.81 38.71 -7.11
CA GLU A 22 -16.17 39.22 -6.91
C GLU A 22 -16.96 39.26 -8.22
N ALA A 23 -16.31 39.65 -9.32
CA ALA A 23 -16.95 39.63 -10.62
C ALA A 23 -15.91 39.36 -11.69
N GLY A 24 -16.35 38.77 -12.79
CA GLY A 24 -15.40 38.48 -13.85
C GLY A 24 -14.43 37.37 -13.46
N GLY A 25 -13.24 37.41 -14.07
CA GLY A 25 -12.21 36.43 -13.77
C GLY A 25 -12.35 35.19 -14.63
N LYS A 26 -11.42 34.26 -14.41
CA LYS A 26 -11.30 33.07 -15.24
C LYS A 26 -12.36 32.03 -14.89
N VAL A 27 -12.53 31.07 -15.78
CA VAL A 27 -13.49 29.97 -15.59
C VAL A 27 -13.02 29.10 -14.42
N PRO A 28 -13.86 28.84 -13.43
CA PRO A 28 -13.44 27.94 -12.35
C PRO A 28 -13.28 26.51 -12.82
N VAL A 29 -12.33 25.82 -12.18
CA VAL A 29 -12.18 24.38 -12.30
C VAL A 29 -12.92 23.75 -11.13
N PHE A 30 -13.90 22.91 -11.43
CA PHE A 30 -14.59 22.15 -10.40
C PHE A 30 -13.94 20.77 -10.31
N VAL A 31 -13.41 20.44 -9.15
CA VAL A 31 -12.75 19.15 -8.94
C VAL A 31 -13.61 18.32 -8.01
N PHE A 32 -13.60 16.99 -8.21
CA PHE A 32 -14.44 16.07 -7.45
C PHE A 32 -13.55 15.10 -6.67
N HIS A 33 -13.94 14.81 -5.42
CA HIS A 33 -13.12 14.06 -4.47
C HIS A 33 -12.81 12.64 -4.93
N PRO A 34 -11.66 12.10 -4.53
CA PRO A 34 -11.33 10.71 -4.85
C PRO A 34 -11.94 9.74 -3.85
N ALA A 35 -11.85 8.46 -4.17
CA ALA A 35 -12.29 7.44 -3.24
C ALA A 35 -11.46 7.52 -1.98
N GLY A 36 -12.09 7.71 -0.84
CA GLY A 36 -11.34 7.77 0.42
C GLY A 36 -10.46 8.98 0.61
N GLY A 37 -10.81 10.13 0.04
CA GLY A 37 -10.03 11.33 0.23
C GLY A 37 -10.92 12.54 0.00
N SER A 38 -10.35 13.72 0.27
CA SER A 38 -11.07 14.97 0.03
C SER A 38 -10.46 15.70 -1.16
N THR A 39 -11.04 16.86 -1.50
CA THR A 39 -10.51 17.58 -2.64
C THR A 39 -9.25 18.38 -2.31
N VAL A 40 -8.74 18.32 -1.07
CA VAL A 40 -7.43 18.91 -0.80
C VAL A 40 -6.34 18.25 -1.65
N VAL A 41 -6.57 17.02 -2.12
CA VAL A 41 -5.61 16.31 -2.97
C VAL A 41 -5.36 17.06 -4.27
N TYR A 42 -6.22 18.00 -4.64
CA TYR A 42 -6.04 18.75 -5.89
C TYR A 42 -5.19 19.98 -5.71
N GLU A 43 -4.68 20.24 -4.50
CA GLU A 43 -3.81 21.39 -4.34
C GLU A 43 -2.54 21.32 -5.19
N PRO A 44 -1.87 20.17 -5.34
CA PRO A 44 -0.75 20.11 -6.30
C PRO A 44 -1.13 20.53 -7.72
N LEU A 45 -2.24 19.98 -8.24
CA LEU A 45 -2.77 20.42 -9.54
C LEU A 45 -2.95 21.93 -9.60
N LEU A 46 -3.63 22.50 -8.60
CA LEU A 46 -3.89 23.93 -8.61
C LEU A 46 -2.60 24.72 -8.75
N GLY A 47 -1.52 24.23 -8.13
CA GLY A 47 -0.23 24.89 -8.26
C GLY A 47 0.32 24.87 -9.67
N ARG A 48 -0.14 23.94 -10.49
CA ARG A 48 0.30 23.82 -11.87
C ARG A 48 -0.71 24.40 -12.86
N LEU A 49 -1.73 25.12 -12.39
CA LEU A 49 -2.71 25.76 -13.27
C LEU A 49 -2.46 27.26 -13.36
N PRO A 50 -3.01 27.96 -14.37
CA PRO A 50 -2.67 29.37 -14.54
C PRO A 50 -3.00 30.18 -13.30
N ALA A 51 -2.28 31.28 -13.14
CA ALA A 51 -2.52 32.18 -12.03
C ALA A 51 -3.97 32.65 -12.03
N ASP A 52 -4.52 32.78 -10.83
CA ASP A 52 -5.87 33.27 -10.62
C ASP A 52 -6.94 32.34 -11.18
N THR A 53 -6.62 31.06 -11.40
CA THR A 53 -7.66 30.09 -11.76
C THR A 53 -8.45 29.72 -10.52
N PRO A 54 -9.75 30.00 -10.46
CA PRO A 54 -10.53 29.58 -9.28
C PRO A 54 -10.70 28.07 -9.27
N MET A 55 -10.90 27.50 -8.07
CA MET A 55 -11.15 26.07 -8.03
C MET A 55 -12.00 25.75 -6.80
N TYR A 56 -13.02 24.95 -7.02
CA TYR A 56 -13.95 24.51 -5.99
C TYR A 56 -14.00 23.01 -6.03
N GLY A 57 -13.98 22.38 -4.86
CA GLY A 57 -14.00 20.94 -4.74
C GLY A 57 -15.36 20.48 -4.27
N PHE A 58 -15.86 19.42 -4.90
CA PHE A 58 -17.11 18.79 -4.47
C PHE A 58 -16.79 17.55 -3.66
N GLU A 59 -17.18 17.57 -2.39
CA GLU A 59 -16.87 16.51 -1.45
C GLU A 59 -17.96 15.43 -1.47
N ARG A 60 -17.78 14.41 -0.65
CA ARG A 60 -18.58 13.20 -0.77
C ARG A 60 -20.03 13.45 -0.37
N VAL A 61 -20.94 12.80 -1.11
CA VAL A 61 -22.33 12.69 -0.74
C VAL A 61 -22.73 11.21 -0.91
N GLU A 62 -23.89 10.86 -0.40
CA GLU A 62 -24.33 9.47 -0.41
C GLU A 62 -25.11 9.17 -1.69
N GLY A 63 -25.10 7.90 -2.07
CA GLY A 63 -25.99 7.37 -3.09
C GLY A 63 -25.22 6.72 -4.23
N SER A 64 -25.99 6.24 -5.20
CA SER A 64 -25.38 5.79 -6.45
C SER A 64 -24.73 6.97 -7.17
N ILE A 65 -23.91 6.68 -8.18
CA ILE A 65 -23.27 7.73 -8.96
C ILE A 65 -24.30 8.73 -9.47
N GLU A 66 -25.41 8.21 -10.03
CA GLU A 66 -26.43 9.09 -10.58
C GLU A 66 -27.13 9.89 -9.48
N GLU A 67 -27.32 9.30 -8.30
CA GLU A 67 -27.89 10.05 -7.20
C GLU A 67 -26.92 11.10 -6.66
N ARG A 68 -25.62 10.82 -6.73
CA ARG A 68 -24.65 11.82 -6.32
C ARG A 68 -24.63 12.98 -7.30
N ALA A 69 -24.64 12.67 -8.60
CA ALA A 69 -24.69 13.71 -9.61
C ALA A 69 -25.94 14.56 -9.47
N GLN A 70 -27.05 13.95 -9.07
CA GLN A 70 -28.29 14.70 -8.90
C GLN A 70 -28.20 15.71 -7.77
N GLN A 71 -27.29 15.50 -6.81
CA GLN A 71 -27.06 16.50 -5.78
C GLN A 71 -26.07 17.57 -6.23
N TYR A 72 -25.05 17.16 -7.00
CA TYR A 72 -24.00 18.09 -7.44
C TYR A 72 -24.50 19.03 -8.53
N VAL A 73 -25.22 18.50 -9.53
CA VAL A 73 -25.58 19.32 -10.70
C VAL A 73 -26.36 20.57 -10.30
N PRO A 74 -27.36 20.52 -9.42
CA PRO A 74 -28.02 21.79 -9.03
C PRO A 74 -27.08 22.78 -8.38
N LYS A 75 -26.10 22.30 -7.60
CA LYS A 75 -25.16 23.20 -6.95
C LYS A 75 -24.20 23.80 -7.95
N LEU A 76 -23.75 23.00 -8.93
CA LEU A 76 -22.91 23.52 -10.00
C LEU A 76 -23.59 24.68 -10.71
N ILE A 77 -24.87 24.51 -11.03
CA ILE A 77 -25.62 25.55 -11.76
C ILE A 77 -25.84 26.77 -10.88
N GLU A 78 -26.10 26.57 -9.59
CA GLU A 78 -26.19 27.69 -8.66
C GLU A 78 -24.93 28.54 -8.72
N MET A 79 -23.77 27.90 -8.82
CA MET A 79 -22.51 28.62 -8.79
C MET A 79 -22.07 29.18 -10.14
N GLN A 80 -22.37 28.50 -11.23
CA GLN A 80 -21.78 28.83 -12.52
C GLN A 80 -22.80 29.01 -13.63
N GLY A 81 -24.08 28.74 -13.38
CA GLY A 81 -25.12 29.11 -14.35
C GLY A 81 -24.98 28.36 -15.67
N ASP A 82 -25.05 29.11 -16.77
CA ASP A 82 -25.04 28.50 -18.09
C ASP A 82 -23.70 27.85 -18.43
N GLY A 83 -22.61 28.28 -17.80
CA GLY A 83 -21.31 27.75 -18.13
C GLY A 83 -20.32 28.89 -18.31
N PRO A 84 -19.12 28.60 -18.84
CA PRO A 84 -18.65 27.27 -19.24
C PRO A 84 -18.30 26.39 -18.04
N TYR A 85 -18.36 25.07 -18.23
CA TYR A 85 -18.06 24.14 -17.16
C TYR A 85 -16.76 23.42 -17.47
N VAL A 86 -15.85 23.41 -16.48
CA VAL A 86 -14.62 22.62 -16.49
C VAL A 86 -14.72 21.69 -15.29
N LEU A 87 -14.73 20.38 -15.55
CA LEU A 87 -15.02 19.37 -14.54
C LEU A 87 -13.90 18.35 -14.54
N VAL A 88 -13.31 18.09 -13.38
CA VAL A 88 -12.05 17.36 -13.31
C VAL A 88 -12.07 16.44 -12.10
N GLY A 89 -11.50 15.27 -12.26
CA GLY A 89 -11.40 14.34 -11.19
C GLY A 89 -10.48 13.15 -11.38
N TRP A 90 -9.81 12.83 -10.27
CA TRP A 90 -8.95 11.71 -10.09
C TRP A 90 -9.80 10.62 -9.37
N SER A 91 -9.50 9.35 -9.63
CA SER A 91 -10.13 8.21 -8.99
C SER A 91 -11.67 8.29 -9.22
N LEU A 92 -12.43 8.14 -8.16
CA LEU A 92 -13.87 8.21 -8.22
C LEU A 92 -14.34 9.59 -8.76
N GLY A 93 -13.63 10.68 -8.43
CA GLY A 93 -13.93 12.03 -8.88
C GLY A 93 -14.03 12.17 -10.39
N GLY A 94 -13.21 11.43 -11.13
CA GLY A 94 -13.36 11.43 -12.54
C GLY A 94 -14.74 10.90 -12.97
N VAL A 95 -15.19 9.79 -12.41
CA VAL A 95 -16.52 9.28 -12.74
C VAL A 95 -17.60 10.27 -12.34
N LEU A 96 -17.40 10.92 -11.19
CA LEU A 96 -18.37 11.92 -10.72
C LEU A 96 -18.39 13.13 -11.64
N ALA A 97 -17.20 13.60 -12.04
CA ALA A 97 -17.12 14.71 -13.00
C ALA A 97 -17.85 14.35 -14.28
N TYR A 98 -17.61 13.14 -14.79
CA TYR A 98 -18.23 12.68 -16.03
C TYR A 98 -19.76 12.61 -15.89
N ALA A 99 -20.24 12.09 -14.77
CA ALA A 99 -21.68 12.04 -14.55
C ALA A 99 -22.28 13.42 -14.52
N CYS A 100 -21.58 14.39 -13.90
CA CYS A 100 -22.09 15.76 -13.88
C CYS A 100 -22.10 16.37 -15.28
N ALA A 101 -21.06 16.08 -16.09
CA ALA A 101 -21.05 16.60 -17.46
C ALA A 101 -22.27 16.13 -18.24
N ILE A 102 -22.63 14.86 -18.08
CA ILE A 102 -23.83 14.33 -18.73
C ILE A 102 -25.07 15.07 -18.28
N GLY A 103 -25.21 15.27 -16.96
CA GLY A 103 -26.40 15.95 -16.47
C GLY A 103 -26.48 17.38 -16.92
N LEU A 104 -25.35 18.11 -16.87
CA LEU A 104 -25.31 19.49 -17.31
C LEU A 104 -25.61 19.61 -18.80
N ARG A 105 -25.05 18.71 -19.61
CA ARG A 105 -25.32 18.75 -21.05
C ARG A 105 -26.79 18.51 -21.34
N ARG A 106 -27.42 17.56 -20.63
CA ARG A 106 -28.84 17.29 -20.81
C ARG A 106 -29.69 18.51 -20.49
N LEU A 107 -29.25 19.34 -19.54
CA LEU A 107 -29.97 20.55 -19.18
C LEU A 107 -29.65 21.73 -20.09
N GLY A 108 -28.84 21.53 -21.13
CA GLY A 108 -28.50 22.60 -22.05
C GLY A 108 -27.37 23.49 -21.63
N LYS A 109 -26.58 23.10 -20.61
CA LYS A 109 -25.50 23.94 -20.15
C LYS A 109 -24.26 23.71 -21.04
N ASP A 110 -23.31 24.62 -20.93
CA ASP A 110 -22.12 24.64 -21.79
C ASP A 110 -20.97 23.98 -21.03
N VAL A 111 -20.67 22.73 -21.35
CA VAL A 111 -19.56 22.00 -20.74
C VAL A 111 -18.41 22.01 -21.74
N ARG A 112 -17.26 22.54 -21.33
CA ARG A 112 -16.12 22.71 -22.24
C ARG A 112 -15.04 21.67 -22.06
N PHE A 113 -14.86 21.13 -20.85
CA PHE A 113 -13.72 20.27 -20.61
C PHE A 113 -14.08 19.30 -19.49
N VAL A 114 -13.84 18.01 -19.71
CA VAL A 114 -13.96 16.99 -18.67
C VAL A 114 -12.58 16.34 -18.55
N GLY A 115 -11.99 16.42 -17.37
CA GLY A 115 -10.64 15.88 -17.19
C GLY A 115 -10.63 14.68 -16.26
N LEU A 116 -10.34 13.50 -16.80
CA LEU A 116 -10.25 12.26 -16.02
C LEU A 116 -8.79 11.98 -15.69
N ILE A 117 -8.43 12.08 -14.41
CA ILE A 117 -7.05 11.88 -13.99
C ILE A 117 -6.95 10.41 -13.60
N ASP A 118 -6.59 9.60 -14.58
CA ASP A 118 -6.40 8.15 -14.45
C ASP A 118 -7.60 7.44 -13.83
N ALA A 119 -8.80 7.87 -14.20
CA ALA A 119 -10.01 7.21 -13.73
C ALA A 119 -10.33 6.04 -14.65
N VAL A 120 -9.50 4.99 -14.55
CA VAL A 120 -9.43 3.94 -15.55
C VAL A 120 -10.27 2.73 -15.13
N ARG A 121 -11.11 2.27 -16.04
CA ARG A 121 -11.96 1.11 -15.77
C ARG A 121 -11.14 -0.18 -15.68
N ALA A 122 -11.67 -1.14 -14.93
CA ALA A 122 -11.05 -2.46 -14.87
C ALA A 122 -10.97 -3.05 -16.27
N GLY A 123 -9.85 -3.71 -16.58
CA GLY A 123 -9.69 -4.23 -17.92
C GLY A 123 -10.60 -5.39 -18.25
N GLU A 124 -11.17 -6.04 -17.24
CA GLU A 124 -12.08 -7.16 -17.43
C GLU A 124 -13.28 -7.01 -16.52
N GLU A 125 -14.43 -7.48 -17.01
CA GLU A 125 -15.66 -7.48 -16.23
C GLU A 125 -15.46 -8.21 -14.91
N ILE A 126 -15.93 -7.60 -13.82
CA ILE A 126 -15.91 -8.23 -12.50
C ILE A 126 -17.16 -9.08 -12.34
N PRO A 127 -17.04 -10.39 -12.15
CA PRO A 127 -18.25 -11.23 -12.00
C PRO A 127 -19.02 -10.91 -10.72
N GLN A 128 -20.32 -11.19 -10.75
CA GLN A 128 -21.23 -10.91 -9.63
C GLN A 128 -21.58 -12.24 -8.96
N THR A 129 -20.63 -12.73 -8.16
CA THR A 129 -20.80 -14.03 -7.49
C THR A 129 -20.45 -13.92 -6.02
N LYS A 130 -20.96 -14.88 -5.23
CA LYS A 130 -20.59 -14.93 -3.82
C LYS A 130 -19.08 -15.14 -3.66
N GLU A 131 -18.48 -15.93 -4.54
CA GLU A 131 -17.03 -16.13 -4.51
C GLU A 131 -16.28 -14.80 -4.65
N GLU A 132 -16.73 -13.92 -5.54
CA GLU A 132 -16.04 -12.63 -5.70
C GLU A 132 -16.23 -11.74 -4.47
N ILE A 133 -17.46 -11.66 -3.96
CA ILE A 133 -17.72 -10.90 -2.74
C ILE A 133 -16.84 -11.42 -1.60
N ARG A 134 -16.80 -12.74 -1.42
CA ARG A 134 -15.94 -13.34 -0.41
C ARG A 134 -14.48 -12.88 -0.56
N LYS A 135 -13.91 -13.05 -1.75
CA LYS A 135 -12.50 -12.72 -1.93
C LYS A 135 -12.24 -11.24 -1.66
N ARG A 136 -13.15 -10.37 -2.09
CA ARG A 136 -13.01 -8.93 -1.87
C ARG A 136 -12.97 -8.62 -0.36
N TRP A 137 -13.87 -9.23 0.41
CA TRP A 137 -13.89 -8.97 1.85
C TRP A 137 -12.70 -9.59 2.57
N ASP A 138 -12.19 -10.72 2.07
CA ASP A 138 -10.98 -11.30 2.67
C ASP A 138 -9.76 -10.44 2.34
N ARG A 139 -9.71 -9.88 1.13
CA ARG A 139 -8.64 -8.96 0.79
C ARG A 139 -8.72 -7.71 1.66
N TYR A 140 -9.94 -7.22 1.94
CA TYR A 140 -10.05 -6.11 2.87
C TYR A 140 -9.63 -6.53 4.29
N ALA A 141 -10.00 -7.75 4.72
CA ALA A 141 -9.58 -8.20 6.04
C ALA A 141 -8.06 -8.23 6.14
N ALA A 142 -7.39 -8.67 5.07
CA ALA A 142 -5.93 -8.69 5.05
C ALA A 142 -5.38 -7.26 5.06
N PHE A 143 -6.00 -6.37 4.29
CA PHE A 143 -5.57 -4.98 4.30
C PHE A 143 -5.71 -4.36 5.69
N ALA A 144 -6.81 -4.66 6.38
CA ALA A 144 -7.04 -4.10 7.70
C ALA A 144 -6.06 -4.66 8.72
N GLU A 145 -5.59 -5.90 8.53
CA GLU A 145 -4.58 -6.44 9.44
C GLU A 145 -3.22 -5.81 9.19
N LYS A 146 -2.79 -5.74 7.92
CA LYS A 146 -1.50 -5.12 7.63
C LYS A 146 -1.50 -3.64 8.01
N THR A 147 -2.68 -3.00 7.98
CA THR A 147 -2.79 -1.57 8.21
C THR A 147 -3.11 -1.22 9.65
N PHE A 148 -4.16 -1.82 10.22
CA PHE A 148 -4.61 -1.48 11.56
C PHE A 148 -4.39 -2.59 12.57
N ASN A 149 -3.79 -3.70 12.15
CA ASN A 149 -3.61 -4.88 13.00
C ASN A 149 -4.92 -5.25 13.69
N VAL A 150 -5.99 -5.32 12.91
CA VAL A 150 -7.34 -5.57 13.42
C VAL A 150 -7.94 -6.76 12.67
N THR A 151 -8.73 -7.57 13.37
CA THR A 151 -9.38 -8.74 12.80
C THR A 151 -10.82 -8.40 12.41
N ILE A 152 -11.10 -8.46 11.11
CA ILE A 152 -12.42 -8.14 10.57
C ILE A 152 -13.28 -9.40 10.58
N PRO A 153 -14.52 -9.35 11.03
CA PRO A 153 -15.39 -10.53 10.96
C PRO A 153 -15.80 -10.81 9.52
N ALA A 154 -16.24 -12.05 9.26
CA ALA A 154 -16.60 -12.51 7.94
C ALA A 154 -18.09 -12.80 7.83
N ILE A 155 -18.66 -12.52 6.66
CA ILE A 155 -20.08 -12.72 6.38
C ILE A 155 -20.33 -14.18 5.99
N PRO A 156 -21.39 -14.83 6.46
CA PRO A 156 -21.67 -16.21 6.04
C PRO A 156 -21.78 -16.32 4.53
N TYR A 157 -21.23 -17.41 3.98
CA TYR A 157 -21.11 -17.57 2.54
C TYR A 157 -22.47 -17.42 1.84
N GLU A 158 -23.51 -18.03 2.40
CA GLU A 158 -24.80 -17.99 1.74
C GLU A 158 -25.60 -16.73 2.05
N GLN A 159 -25.02 -15.78 2.79
CA GLN A 159 -25.61 -14.47 2.99
C GLN A 159 -24.91 -13.38 2.16
N LEU A 160 -23.83 -13.73 1.47
CA LEU A 160 -23.07 -12.75 0.68
C LEU A 160 -23.93 -12.13 -0.41
N GLU A 161 -24.78 -12.92 -1.06
CA GLU A 161 -25.59 -12.37 -2.14
C GLU A 161 -26.93 -11.83 -1.64
N GLU A 162 -27.21 -11.93 -0.34
CA GLU A 162 -28.40 -11.31 0.24
C GLU A 162 -28.16 -9.87 0.68
N LEU A 163 -26.90 -9.42 0.69
CA LEU A 163 -26.50 -8.10 1.16
C LEU A 163 -25.95 -7.31 -0.02
N ASP A 164 -26.46 -6.08 -0.23
CA ASP A 164 -25.78 -5.24 -1.20
C ASP A 164 -24.54 -4.63 -0.54
N ASP A 165 -23.82 -3.81 -1.30
CA ASP A 165 -22.55 -3.26 -0.81
C ASP A 165 -22.76 -2.51 0.50
N GLU A 166 -23.75 -1.61 0.53
CA GLU A 166 -24.08 -0.90 1.77
C GLU A 166 -24.40 -1.88 2.88
N GLY A 167 -25.22 -2.90 2.59
CA GLY A 167 -25.59 -3.85 3.62
C GLY A 167 -24.41 -4.66 4.11
N GLN A 168 -23.49 -5.01 3.21
CA GLN A 168 -22.29 -5.73 3.62
C GLN A 168 -21.46 -4.89 4.58
N VAL A 169 -21.26 -3.62 4.23
CA VAL A 169 -20.49 -2.71 5.08
C VAL A 169 -21.18 -2.54 6.43
N ARG A 170 -22.50 -2.34 6.42
CA ARG A 170 -23.23 -2.23 7.68
C ARG A 170 -23.06 -3.48 8.53
N PHE A 171 -23.16 -4.66 7.90
CA PHE A 171 -22.93 -5.92 8.62
C PHE A 171 -21.57 -5.93 9.31
N VAL A 172 -20.51 -5.58 8.58
CA VAL A 172 -19.17 -5.66 9.16
C VAL A 172 -18.98 -4.64 10.26
N LEU A 173 -19.48 -3.41 10.07
CA LEU A 173 -19.32 -2.38 11.11
C LEU A 173 -20.02 -2.79 12.40
N ASP A 174 -21.22 -3.34 12.30
CA ASP A 174 -21.94 -3.79 13.49
C ASP A 174 -21.22 -4.95 14.17
N ALA A 175 -20.82 -5.96 13.39
CA ALA A 175 -20.13 -7.10 13.97
C ALA A 175 -18.77 -6.68 14.55
N VAL A 176 -18.18 -5.61 14.01
CA VAL A 176 -16.94 -5.08 14.57
C VAL A 176 -17.20 -4.55 15.97
N SER A 177 -18.17 -3.64 16.10
CA SER A 177 -18.51 -3.07 17.40
C SER A 177 -19.06 -4.13 18.36
N GLN A 178 -19.73 -5.15 17.84
CA GLN A 178 -20.19 -6.25 18.68
C GLN A 178 -19.05 -7.18 19.09
N SER A 179 -17.95 -7.18 18.35
CA SER A 179 -16.79 -7.98 18.74
C SER A 179 -15.93 -7.29 19.80
N GLY A 180 -16.07 -5.98 19.95
CA GLY A 180 -15.36 -5.27 20.99
C GLY A 180 -13.93 -4.90 20.66
N VAL A 181 -13.55 -4.90 19.39
CA VAL A 181 -12.23 -4.40 19.00
C VAL A 181 -12.23 -2.89 19.08
N GLN A 182 -11.12 -2.32 19.56
CA GLN A 182 -10.99 -0.88 19.73
C GLN A 182 -10.48 -0.27 18.43
N ILE A 183 -11.37 0.37 17.68
CA ILE A 183 -10.98 1.10 16.49
C ILE A 183 -11.51 2.53 16.58
N PRO A 184 -10.69 3.55 16.33
CA PRO A 184 -11.18 4.92 16.38
C PRO A 184 -12.28 5.14 15.36
N ALA A 185 -13.32 5.85 15.78
CA ALA A 185 -14.46 6.11 14.90
C ALA A 185 -14.01 6.85 13.63
N GLY A 186 -13.02 7.73 13.76
CA GLY A 186 -12.53 8.44 12.58
C GLY A 186 -11.96 7.49 11.54
N ILE A 187 -11.30 6.44 12.00
CA ILE A 187 -10.79 5.42 11.06
C ILE A 187 -11.95 4.61 10.50
N ILE A 188 -12.92 4.26 11.35
CA ILE A 188 -14.10 3.52 10.89
C ILE A 188 -14.80 4.27 9.77
N GLU A 189 -14.98 5.58 9.92
CA GLU A 189 -15.70 6.35 8.90
C GLU A 189 -14.88 6.48 7.62
N HIS A 190 -13.57 6.68 7.73
CA HIS A 190 -12.74 6.71 6.54
C HIS A 190 -12.73 5.36 5.84
N GLN A 191 -12.76 4.27 6.61
CA GLN A 191 -12.79 2.94 5.99
C GLN A 191 -14.11 2.69 5.29
N ARG A 192 -15.22 3.04 5.96
CA ARG A 192 -16.55 2.88 5.37
C ARG A 192 -16.65 3.58 4.03
N THR A 193 -16.25 4.87 3.98
CA THR A 193 -16.36 5.63 2.75
C THR A 193 -15.37 5.13 1.69
N SER A 194 -14.15 4.77 2.10
CA SER A 194 -13.19 4.23 1.14
C SER A 194 -13.73 2.97 0.48
N TYR A 195 -14.29 2.05 1.27
CA TYR A 195 -14.80 0.79 0.71
C TYR A 195 -15.94 1.06 -0.27
N LEU A 196 -16.93 1.85 0.16
CA LEU A 196 -18.09 2.11 -0.69
C LEU A 196 -17.71 2.90 -1.94
N ASP A 197 -16.76 3.83 -1.81
CA ASP A 197 -16.38 4.64 -2.97
C ASP A 197 -15.55 3.82 -3.96
N ASN A 198 -14.73 2.89 -3.46
CA ASN A 198 -14.07 1.97 -4.36
C ASN A 198 -15.07 1.07 -5.07
N ARG A 199 -16.09 0.59 -4.35
CA ARG A 199 -17.14 -0.17 -5.03
C ARG A 199 -17.95 0.68 -5.99
N ALA A 200 -18.10 1.98 -5.70
CA ALA A 200 -18.80 2.86 -6.62
C ALA A 200 -18.06 2.95 -7.96
N ILE A 201 -16.73 2.89 -7.93
CA ILE A 201 -15.97 2.80 -9.18
C ILE A 201 -16.24 1.47 -9.87
N ASP A 202 -16.18 0.38 -9.11
CA ASP A 202 -16.37 -0.98 -9.66
C ASP A 202 -17.71 -1.10 -10.38
N THR A 203 -18.77 -0.55 -9.80
CA THR A 203 -20.12 -0.81 -10.28
C THR A 203 -20.66 0.32 -11.15
N ALA A 204 -19.83 1.32 -11.46
CA ALA A 204 -20.31 2.45 -12.26
C ALA A 204 -20.73 1.99 -13.65
N GLN A 205 -21.87 2.48 -14.13
CA GLN A 205 -22.32 2.19 -15.49
C GLN A 205 -22.17 3.47 -16.32
N ILE A 206 -21.22 3.44 -17.26
CA ILE A 206 -20.86 4.61 -18.02
C ILE A 206 -21.93 4.86 -19.08
N GLN A 207 -22.43 6.06 -19.12
CA GLN A 207 -23.37 6.50 -20.14
C GLN A 207 -22.63 7.21 -21.26
N PRO A 208 -23.24 7.29 -22.45
CA PRO A 208 -22.59 8.02 -23.55
C PRO A 208 -22.52 9.51 -23.26
N TYR A 209 -21.40 10.11 -23.67
CA TYR A 209 -21.22 11.55 -23.56
C TYR A 209 -20.69 12.08 -24.88
N ASP A 210 -21.46 12.99 -25.50
CA ASP A 210 -21.09 13.61 -26.78
C ASP A 210 -20.41 14.94 -26.47
N GLY A 211 -19.11 14.87 -26.20
CA GLY A 211 -18.36 16.05 -25.78
C GLY A 211 -16.90 15.66 -25.58
N HIS A 212 -16.09 16.68 -25.31
CA HIS A 212 -14.65 16.48 -25.18
C HIS A 212 -14.31 15.96 -23.79
N VAL A 213 -13.53 14.88 -23.75
CA VAL A 213 -13.05 14.30 -22.50
C VAL A 213 -11.56 14.02 -22.67
N THR A 214 -10.76 14.50 -21.72
CA THR A 214 -9.35 14.16 -21.69
C THR A 214 -9.12 13.13 -20.60
N LEU A 215 -8.55 11.99 -20.98
CA LEU A 215 -8.14 10.97 -20.03
C LEU A 215 -6.63 11.07 -19.87
N TYR A 216 -6.17 11.48 -18.69
CA TYR A 216 -4.76 11.46 -18.34
C TYR A 216 -4.46 10.07 -17.81
N MET A 217 -3.70 9.28 -18.58
CA MET A 217 -3.60 7.86 -18.30
C MET A 217 -2.23 7.53 -17.74
N ALA A 218 -2.20 7.05 -16.50
CA ALA A 218 -0.98 6.54 -15.90
C ALA A 218 -0.64 5.19 -16.52
N ASP A 219 0.49 4.62 -16.09
CA ASP A 219 0.91 3.34 -16.65
C ASP A 219 0.08 2.18 -16.10
N ARG A 220 -0.22 2.20 -14.81
CA ARG A 220 -0.90 1.07 -14.20
C ARG A 220 -1.51 1.49 -12.88
N TYR A 221 -2.45 0.68 -12.40
CA TYR A 221 -2.86 0.81 -11.01
C TYR A 221 -1.72 0.32 -10.13
N HIS A 222 -1.60 0.93 -8.94
CA HIS A 222 -0.58 0.53 -7.97
C HIS A 222 -0.95 -0.81 -7.33
N ASP A 223 0.04 -1.42 -6.66
CA ASP A 223 -0.09 -2.80 -6.19
C ASP A 223 -1.29 -2.97 -5.25
N ASP A 224 -1.50 -2.04 -4.33
CA ASP A 224 -2.57 -2.18 -3.35
C ASP A 224 -3.94 -2.26 -4.04
N ALA A 225 -4.15 -1.48 -5.09
CA ALA A 225 -5.41 -1.53 -5.83
C ALA A 225 -5.60 -2.90 -6.45
N ILE A 226 -4.55 -3.43 -7.08
CA ILE A 226 -4.61 -4.73 -7.75
C ILE A 226 -4.82 -5.84 -6.73
N MET A 227 -4.26 -5.69 -5.52
CA MET A 227 -4.47 -6.68 -4.47
C MET A 227 -5.94 -6.78 -4.09
N PHE A 228 -6.65 -5.65 -4.10
CA PHE A 228 -8.09 -5.66 -3.78
C PHE A 228 -8.91 -6.27 -4.90
N GLU A 229 -8.53 -6.02 -6.15
CA GLU A 229 -9.31 -6.48 -7.30
C GLU A 229 -8.32 -6.67 -8.46
N PRO A 230 -7.90 -7.92 -8.71
CA PRO A 230 -6.85 -8.14 -9.71
C PRO A 230 -7.23 -7.74 -11.12
N ARG A 231 -8.52 -7.56 -11.43
CA ARG A 231 -8.85 -7.19 -12.79
C ARG A 231 -8.43 -5.75 -13.11
N TYR A 232 -8.02 -4.97 -12.11
CA TYR A 232 -7.44 -3.66 -12.41
C TYR A 232 -5.99 -3.77 -12.86
N ALA A 233 -5.42 -5.00 -12.87
CA ALA A 233 -4.09 -5.20 -13.42
C ALA A 233 -4.08 -5.06 -14.94
N VAL A 234 -5.24 -5.21 -15.59
CA VAL A 234 -5.37 -5.10 -17.03
C VAL A 234 -6.00 -3.76 -17.35
N ARG A 235 -5.47 -3.08 -18.36
CA ARG A 235 -6.01 -1.80 -18.82
C ARG A 235 -6.18 -1.85 -20.33
N GLN A 236 -7.28 -1.30 -20.80
CA GLN A 236 -7.48 -1.09 -22.22
C GLN A 236 -6.85 0.23 -22.63
N PRO A 237 -6.51 0.40 -23.92
CA PRO A 237 -5.80 1.62 -24.33
C PRO A 237 -6.61 2.88 -24.11
N ASP A 238 -7.94 2.79 -24.18
CA ASP A 238 -8.82 3.92 -23.93
C ASP A 238 -9.29 4.00 -22.49
N GLY A 239 -8.72 3.18 -21.60
CA GLY A 239 -9.13 3.17 -20.21
C GLY A 239 -10.55 2.71 -19.99
N GLY A 240 -11.17 2.11 -21.00
CA GLY A 240 -12.56 1.70 -20.95
C GLY A 240 -13.58 2.76 -21.33
N TRP A 241 -13.14 3.93 -21.83
CA TRP A 241 -14.03 5.05 -22.10
C TRP A 241 -14.36 5.23 -23.58
N GLY A 242 -13.65 4.55 -24.48
CA GLY A 242 -13.78 4.84 -25.91
C GLY A 242 -15.14 4.53 -26.50
N GLU A 243 -15.82 3.50 -25.99
CA GLU A 243 -17.15 3.18 -26.51
C GLU A 243 -18.19 4.22 -26.13
N TYR A 244 -17.90 5.08 -25.16
CA TYR A 244 -18.89 5.98 -24.58
C TYR A 244 -18.65 7.45 -24.91
N VAL A 245 -17.44 7.82 -25.32
CA VAL A 245 -17.06 9.21 -25.50
C VAL A 245 -16.76 9.44 -26.98
N SER A 246 -17.45 10.40 -27.58
CA SER A 246 -17.25 10.66 -29.00
C SER A 246 -15.91 11.33 -29.28
N ASP A 247 -15.46 12.22 -28.40
CA ASP A 247 -14.19 12.94 -28.57
C ASP A 247 -13.32 12.65 -27.35
N LEU A 248 -12.61 11.54 -27.38
CA LEU A 248 -11.75 11.16 -26.27
C LEU A 248 -10.29 11.45 -26.61
N GLU A 249 -9.63 12.23 -25.77
CA GLU A 249 -8.20 12.52 -25.90
C GLU A 249 -7.47 11.81 -24.77
N VAL A 250 -6.56 10.89 -25.12
CA VAL A 250 -5.81 10.13 -24.12
C VAL A 250 -4.40 10.69 -24.04
N VAL A 251 -4.04 11.20 -22.87
CA VAL A 251 -2.76 11.85 -22.66
C VAL A 251 -1.96 10.97 -21.71
N PRO A 252 -0.91 10.28 -22.18
CA PRO A 252 -0.13 9.43 -21.28
C PRO A 252 0.67 10.28 -20.30
N ILE A 253 0.67 9.85 -19.02
CA ILE A 253 1.36 10.60 -17.97
C ILE A 253 2.34 9.75 -17.18
N GLY A 254 2.42 8.44 -17.44
CA GLY A 254 3.35 7.58 -16.73
C GLY A 254 2.96 7.35 -15.28
N GLY A 255 3.83 6.63 -14.57
CA GLY A 255 3.63 6.39 -13.15
C GLY A 255 2.44 5.49 -12.86
N GLU A 256 2.13 5.35 -11.57
CA GLU A 256 1.00 4.54 -11.17
C GLU A 256 -0.12 5.44 -10.65
N HIS A 257 -1.29 4.82 -10.49
CA HIS A 257 -2.53 5.56 -10.21
C HIS A 257 -2.37 6.45 -8.99
N ILE A 258 -1.71 5.94 -7.95
CA ILE A 258 -1.58 6.69 -6.70
C ILE A 258 -0.68 7.91 -6.89
N GLN A 259 0.28 7.85 -7.82
CA GLN A 259 1.21 8.96 -8.06
C GLN A 259 0.65 10.04 -8.97
N ALA A 260 -0.42 9.74 -9.72
CA ALA A 260 -0.90 10.66 -10.76
C ALA A 260 -1.33 12.01 -10.20
N ILE A 261 -1.76 12.04 -8.94
CA ILE A 261 -2.32 13.24 -8.33
C ILE A 261 -1.24 14.16 -7.76
N ASP A 262 -0.02 13.67 -7.60
CA ASP A 262 1.05 14.38 -6.91
C ASP A 262 2.19 14.69 -7.87
N GLU A 263 3.11 15.54 -7.43
CA GLU A 263 4.33 15.78 -8.19
C GLU A 263 5.17 14.50 -8.25
N PRO A 264 5.92 14.27 -9.35
CA PRO A 264 6.05 15.13 -10.53
C PRO A 264 5.00 14.86 -11.60
N ILE A 265 4.22 13.78 -11.44
CA ILE A 265 3.29 13.35 -12.49
C ILE A 265 2.24 14.42 -12.76
N ILE A 266 1.77 15.10 -11.71
CA ILE A 266 0.71 16.11 -11.86
C ILE A 266 1.18 17.30 -12.67
N ALA A 267 2.49 17.51 -12.78
CA ALA A 267 2.98 18.62 -13.62
C ALA A 267 2.62 18.42 -15.08
N LYS A 268 2.68 17.16 -15.54
CA LYS A 268 2.27 16.85 -16.91
C LYS A 268 0.79 17.14 -17.11
N VAL A 269 -0.02 16.73 -16.14
CA VAL A 269 -1.45 17.02 -16.18
C VAL A 269 -1.68 18.50 -16.18
N GLY A 270 -0.99 19.23 -15.30
CA GLY A 270 -1.19 20.67 -15.21
C GLY A 270 -0.74 21.40 -16.47
N GLU A 271 0.36 20.94 -17.07
CA GLU A 271 0.85 21.60 -18.28
C GLU A 271 -0.16 21.45 -19.43
N HIS A 272 -0.72 20.25 -19.59
CA HIS A 272 -1.72 20.04 -20.64
C HIS A 272 -3.02 20.78 -20.33
N MET A 273 -3.49 20.68 -19.08
CA MET A 273 -4.74 21.31 -18.71
C MET A 273 -4.64 22.83 -18.77
N SER A 274 -3.47 23.40 -18.45
CA SER A 274 -3.29 24.85 -18.56
C SER A 274 -3.47 25.32 -20.01
N ARG A 275 -2.99 24.55 -20.98
CA ARG A 275 -3.22 24.92 -22.39
C ARG A 275 -4.69 24.85 -22.74
N ALA A 276 -5.39 23.83 -22.24
CA ALA A 276 -6.83 23.75 -22.48
C ALA A 276 -7.54 24.94 -21.87
N LEU A 277 -7.19 25.28 -20.63
CA LEU A 277 -7.81 26.42 -19.97
C LEU A 277 -7.51 27.73 -20.72
N GLY A 278 -6.27 27.89 -21.21
CA GLY A 278 -5.94 29.10 -21.94
C GLY A 278 -6.75 29.24 -23.22
N GLN A 279 -7.02 28.11 -23.90
CA GLN A 279 -7.85 28.15 -25.10
C GLN A 279 -9.29 28.54 -24.78
N ILE A 280 -9.83 27.98 -23.69
CA ILE A 280 -11.19 28.34 -23.27
C ILE A 280 -11.28 29.82 -22.95
N GLU A 281 -10.31 30.36 -22.20
CA GLU A 281 -10.34 31.80 -21.90
C GLU A 281 -10.27 32.63 -23.18
N ALA A 282 -9.39 32.26 -24.12
CA ALA A 282 -9.34 32.95 -25.40
C ALA A 282 -10.65 32.83 -26.16
N ASP A 283 -11.26 31.64 -26.13
CA ASP A 283 -12.51 31.40 -26.85
C ASP A 283 -13.67 32.21 -26.30
N ARG A 284 -13.69 32.48 -25.00
CA ARG A 284 -14.80 33.23 -24.46
C ARG A 284 -14.58 34.74 -24.55
N THR A 285 -13.36 35.19 -24.81
CA THR A 285 -13.03 36.61 -24.89
C THR A 285 -13.38 37.20 -26.25
N GLN B 9 0.15 -21.16 21.21
CA GLN B 9 1.37 -21.66 20.60
C GLN B 9 2.53 -20.68 20.77
N ILE B 10 2.36 -19.71 21.67
CA ILE B 10 3.35 -18.64 21.88
C ILE B 10 3.90 -18.74 23.30
N ASP B 11 5.20 -18.59 23.43
CA ASP B 11 5.87 -18.65 24.74
C ASP B 11 7.03 -17.65 24.71
N GLY B 12 6.86 -16.51 25.37
CA GLY B 12 7.85 -15.45 25.24
C GLY B 12 7.83 -14.93 23.82
N PHE B 13 8.96 -14.96 23.12
CA PHE B 13 8.97 -14.56 21.71
C PHE B 13 9.05 -15.76 20.76
N VAL B 14 8.80 -16.96 21.25
CA VAL B 14 8.90 -18.17 20.43
C VAL B 14 7.50 -18.68 20.14
N ARG B 15 7.16 -18.74 18.85
CA ARG B 15 5.91 -19.34 18.40
C ARG B 15 6.19 -20.74 17.87
N THR B 16 5.43 -21.72 18.36
CA THR B 16 5.57 -23.10 17.91
C THR B 16 4.62 -23.28 16.72
N LEU B 17 5.18 -23.41 15.52
CA LEU B 17 4.35 -23.68 14.34
C LEU B 17 4.19 -25.18 14.09
N ARG B 18 5.25 -25.96 14.30
CA ARG B 18 5.10 -27.40 14.41
C ARG B 18 6.10 -27.90 15.43
N ALA B 19 5.61 -28.48 16.53
CA ALA B 19 6.50 -28.92 17.59
C ALA B 19 7.33 -30.12 17.12
N ARG B 20 8.58 -30.17 17.58
CA ARG B 20 9.41 -31.32 17.31
C ARG B 20 8.94 -32.51 18.14
N PRO B 21 9.30 -33.73 17.75
CA PRO B 21 8.96 -34.90 18.57
C PRO B 21 9.67 -34.84 19.92
N GLU B 22 9.17 -35.66 20.85
CA GLU B 22 9.76 -35.73 22.19
C GLU B 22 11.25 -35.99 22.15
N ALA B 23 11.69 -36.85 21.24
CA ALA B 23 13.12 -37.07 21.04
C ALA B 23 13.37 -37.42 19.59
N GLY B 24 14.59 -37.14 19.12
CA GLY B 24 14.92 -37.44 17.75
C GLY B 24 14.17 -36.53 16.78
N GLY B 25 13.92 -37.04 15.58
CA GLY B 25 13.23 -36.26 14.59
C GLY B 25 14.16 -35.39 13.77
N LYS B 26 13.56 -34.68 12.84
CA LYS B 26 14.29 -33.89 11.86
C LYS B 26 14.78 -32.57 12.47
N VAL B 27 15.71 -31.94 11.76
CA VAL B 27 16.25 -30.64 12.20
C VAL B 27 15.14 -29.60 12.13
N PRO B 28 14.88 -28.84 13.19
CA PRO B 28 13.87 -27.77 13.09
C PRO B 28 14.31 -26.63 12.18
N VAL B 29 13.32 -26.00 11.54
CA VAL B 29 13.52 -24.74 10.82
C VAL B 29 13.13 -23.61 11.75
N PHE B 30 14.06 -22.70 12.03
CA PHE B 30 13.78 -21.52 12.83
C PHE B 30 13.51 -20.36 11.88
N VAL B 31 12.31 -19.78 11.99
CA VAL B 31 11.91 -18.66 11.12
C VAL B 31 11.83 -17.41 11.96
N PHE B 32 12.12 -16.26 11.33
CA PHE B 32 12.18 -14.98 12.03
C PHE B 32 11.16 -14.01 11.41
N HIS B 33 10.48 -13.27 12.28
CA HIS B 33 9.33 -12.46 11.88
C HIS B 33 9.70 -11.40 10.84
N PRO B 34 8.76 -11.03 9.98
CA PRO B 34 9.00 -9.93 9.03
C PRO B 34 8.72 -8.58 9.67
N ALA B 35 9.11 -7.53 8.94
CA ALA B 35 8.86 -6.17 9.42
C ALA B 35 7.36 -5.94 9.54
N GLY B 36 6.91 -5.57 10.73
CA GLY B 36 5.50 -5.30 10.96
C GLY B 36 4.60 -6.51 10.89
N GLY B 37 5.11 -7.71 11.18
CA GLY B 37 4.30 -8.91 11.08
C GLY B 37 4.84 -9.98 12.01
N SER B 38 4.11 -11.09 12.08
CA SER B 38 4.50 -12.22 12.94
C SER B 38 4.92 -13.43 12.10
N THR B 39 5.36 -14.49 12.79
CA THR B 39 5.80 -15.67 12.05
C THR B 39 4.65 -16.56 11.58
N VAL B 40 3.39 -16.17 11.78
CA VAL B 40 2.30 -16.93 11.17
C VAL B 40 2.41 -16.91 9.64
N VAL B 41 3.13 -15.93 9.09
CA VAL B 41 3.30 -15.82 7.65
C VAL B 41 4.03 -17.01 7.05
N TYR B 42 4.75 -17.79 7.86
CA TYR B 42 5.52 -18.93 7.35
C TYR B 42 4.70 -20.21 7.27
N GLU B 43 3.41 -20.16 7.59
CA GLU B 43 2.60 -21.36 7.46
C GLU B 43 2.53 -21.87 6.02
N PRO B 44 2.41 -21.04 4.99
CA PRO B 44 2.49 -21.57 3.63
C PRO B 44 3.81 -22.25 3.33
N LEU B 45 4.92 -21.61 3.71
CA LEU B 45 6.24 -22.26 3.62
C LEU B 45 6.22 -23.63 4.28
N LEU B 46 5.77 -23.69 5.53
CA LEU B 46 5.77 -24.96 6.25
C LEU B 46 5.00 -26.04 5.47
N GLY B 47 3.93 -25.64 4.78
CA GLY B 47 3.19 -26.59 3.97
C GLY B 47 3.97 -27.15 2.80
N ARG B 48 5.04 -26.48 2.38
CA ARG B 48 5.87 -26.92 1.28
C ARG B 48 7.19 -27.54 1.74
N LEU B 49 7.30 -27.83 3.02
CA LEU B 49 8.48 -28.48 3.57
C LEU B 49 8.15 -29.93 3.87
N PRO B 50 9.17 -30.77 4.03
CA PRO B 50 8.89 -32.20 4.23
C PRO B 50 8.01 -32.42 5.45
N ALA B 51 7.30 -33.53 5.41
CA ALA B 51 6.50 -33.95 6.54
C ALA B 51 7.36 -34.08 7.79
N ASP B 52 6.78 -33.72 8.92
CA ASP B 52 7.42 -33.81 10.23
C ASP B 52 8.62 -32.88 10.37
N THR B 53 8.70 -31.83 9.54
CA THR B 53 9.69 -30.79 9.75
C THR B 53 9.21 -29.89 10.88
N PRO B 54 9.92 -29.83 12.00
CA PRO B 54 9.50 -28.91 13.05
C PRO B 54 9.78 -27.46 12.66
N MET B 55 9.02 -26.53 13.23
CA MET B 55 9.35 -25.15 12.93
C MET B 55 8.94 -24.25 14.09
N TYR B 56 9.83 -23.35 14.46
CA TYR B 56 9.63 -22.40 15.53
C TYR B 56 9.87 -21.01 15.00
N GLY B 57 9.01 -20.08 15.38
CA GLY B 57 9.10 -18.71 14.92
C GLY B 57 9.59 -17.80 16.04
N PHE B 58 10.53 -16.93 15.70
CA PHE B 58 11.04 -15.95 16.65
C PHE B 58 10.39 -14.61 16.38
N GLU B 59 9.60 -14.15 17.35
CA GLU B 59 8.83 -12.93 17.19
C GLU B 59 9.67 -11.72 17.63
N ARG B 60 9.06 -10.54 17.56
CA ARG B 60 9.79 -9.29 17.65
C ARG B 60 10.37 -9.06 19.04
N VAL B 61 11.59 -8.51 19.08
CA VAL B 61 12.18 -7.97 20.29
C VAL B 61 12.77 -6.59 19.97
N GLU B 62 13.16 -5.85 21.01
CA GLU B 62 13.64 -4.48 20.86
C GLU B 62 15.15 -4.41 20.67
N GLY B 63 15.59 -3.36 19.97
CA GLY B 63 17.00 -3.00 19.91
C GLY B 63 17.54 -2.97 18.49
N SER B 64 18.83 -2.71 18.40
CA SER B 64 19.53 -2.86 17.14
C SER B 64 19.50 -4.33 16.70
N ILE B 65 19.85 -4.56 15.43
CA ILE B 65 19.94 -5.93 14.93
C ILE B 65 20.80 -6.78 15.84
N GLU B 66 21.94 -6.23 16.28
CA GLU B 66 22.87 -7.02 17.09
C GLU B 66 22.31 -7.27 18.48
N GLU B 67 21.58 -6.28 19.03
CA GLU B 67 20.93 -6.48 20.33
C GLU B 67 19.76 -7.44 20.23
N ARG B 68 19.07 -7.46 19.10
CA ARG B 68 18.01 -8.47 18.93
C ARG B 68 18.62 -9.85 18.82
N ALA B 69 19.70 -9.98 18.04
CA ALA B 69 20.40 -11.25 17.90
C ALA B 69 20.93 -11.74 19.25
N GLN B 70 21.37 -10.82 20.11
CA GLN B 70 21.86 -11.20 21.44
C GLN B 70 20.75 -11.76 22.30
N GLN B 71 19.50 -11.43 22.01
CA GLN B 71 18.37 -12.02 22.70
C GLN B 71 17.96 -13.35 22.07
N TYR B 72 18.07 -13.50 20.75
CA TYR B 72 17.66 -14.73 20.08
C TYR B 72 18.67 -15.87 20.28
N VAL B 73 19.97 -15.57 20.16
CA VAL B 73 20.97 -16.64 20.14
C VAL B 73 20.94 -17.49 21.40
N PRO B 74 20.84 -16.94 22.62
CA PRO B 74 20.73 -17.82 23.79
C PRO B 74 19.51 -18.73 23.75
N LYS B 75 18.40 -18.25 23.22
CA LYS B 75 17.19 -19.07 23.15
C LYS B 75 17.32 -20.16 22.10
N LEU B 76 17.96 -19.85 20.97
CA LEU B 76 18.25 -20.86 19.95
C LEU B 76 19.06 -22.00 20.55
N ILE B 77 20.09 -21.67 21.32
CA ILE B 77 20.96 -22.70 21.89
C ILE B 77 20.22 -23.48 22.98
N GLU B 78 19.37 -22.80 23.76
CA GLU B 78 18.54 -23.51 24.72
C GLU B 78 17.73 -24.60 24.03
N MET B 79 17.19 -24.29 22.86
CA MET B 79 16.29 -25.20 22.15
C MET B 79 17.03 -26.25 21.31
N GLN B 80 18.19 -25.92 20.76
CA GLN B 80 18.83 -26.76 19.76
C GLN B 80 20.31 -27.07 20.05
N GLY B 81 20.90 -26.49 21.10
CA GLY B 81 22.24 -26.91 21.50
C GLY B 81 23.29 -26.61 20.45
N ASP B 82 24.10 -27.63 20.16
CA ASP B 82 25.22 -27.50 19.21
C ASP B 82 24.76 -27.32 17.78
N GLY B 83 23.55 -27.77 17.43
CA GLY B 83 23.06 -27.69 16.07
C GLY B 83 22.52 -29.04 15.64
N PRO B 84 22.25 -29.23 14.34
CA PRO B 84 22.44 -28.24 13.27
C PRO B 84 21.41 -27.10 13.30
N TYR B 85 21.77 -25.94 12.76
CA TYR B 85 20.89 -24.79 12.72
C TYR B 85 20.48 -24.50 11.29
N VAL B 86 19.18 -24.36 11.08
CA VAL B 86 18.59 -23.90 9.82
C VAL B 86 17.81 -22.64 10.19
N LEU B 87 18.21 -21.51 9.61
CA LEU B 87 17.69 -20.19 9.99
C LEU B 87 17.16 -19.50 8.74
N VAL B 88 15.90 -19.06 8.80
CA VAL B 88 15.19 -18.64 7.61
C VAL B 88 14.38 -17.39 7.91
N GLY B 89 14.34 -16.45 6.97
CA GLY B 89 13.52 -15.28 7.21
C GLY B 89 13.19 -14.50 5.96
N TRP B 90 11.94 -14.04 5.88
CA TRP B 90 11.47 -13.10 4.87
C TRP B 90 11.52 -11.69 5.47
N SER B 91 11.78 -10.70 4.61
CA SER B 91 11.80 -9.28 5.00
C SER B 91 12.85 -9.10 6.11
N LEU B 92 12.55 -8.38 7.19
CA LEU B 92 13.53 -8.19 8.26
C LEU B 92 14.02 -9.53 8.82
N GLY B 93 13.14 -10.53 8.85
CA GLY B 93 13.49 -11.83 9.41
C GLY B 93 14.71 -12.46 8.75
N GLY B 94 14.93 -12.15 7.48
CA GLY B 94 16.15 -12.64 6.83
C GLY B 94 17.39 -12.03 7.44
N VAL B 95 17.37 -10.71 7.70
CA VAL B 95 18.49 -10.04 8.35
C VAL B 95 18.68 -10.59 9.76
N LEU B 96 17.58 -10.87 10.47
CA LEU B 96 17.69 -11.43 11.82
C LEU B 96 18.25 -12.85 11.80
N ALA B 97 17.81 -13.68 10.84
CA ALA B 97 18.36 -15.01 10.66
C ALA B 97 19.86 -14.96 10.42
N TYR B 98 20.29 -14.05 9.55
CA TYR B 98 21.71 -13.90 9.23
C TYR B 98 22.50 -13.45 10.46
N ALA B 99 21.98 -12.49 11.21
CA ALA B 99 22.69 -12.06 12.40
C ALA B 99 22.82 -13.21 13.40
N CYS B 100 21.78 -14.03 13.53
CA CYS B 100 21.87 -15.17 14.44
C CYS B 100 22.89 -16.18 13.94
N ALA B 101 22.95 -16.41 12.61
CA ALA B 101 23.95 -17.34 12.08
C ALA B 101 25.36 -16.89 12.45
N ILE B 102 25.63 -15.58 12.36
CA ILE B 102 26.93 -15.06 12.74
C ILE B 102 27.21 -15.32 14.22
N GLY B 103 26.25 -15.02 15.09
CA GLY B 103 26.46 -15.21 16.52
C GLY B 103 26.63 -16.67 16.89
N LEU B 104 25.83 -17.54 16.29
CA LEU B 104 25.96 -18.98 16.53
C LEU B 104 27.31 -19.50 16.04
N ARG B 105 27.75 -19.05 14.86
CA ARG B 105 29.05 -19.50 14.36
C ARG B 105 30.18 -19.05 15.28
N ARG B 106 30.11 -17.81 15.78
CA ARG B 106 31.14 -17.33 16.70
C ARG B 106 31.22 -18.17 17.97
N LEU B 107 30.09 -18.70 18.42
CA LEU B 107 30.07 -19.56 19.60
C LEU B 107 30.46 -21.00 19.29
N GLY B 108 30.80 -21.30 18.05
CA GLY B 108 31.21 -22.65 17.69
C GLY B 108 30.08 -23.60 17.37
N LYS B 109 28.87 -23.11 17.16
CA LYS B 109 27.74 -23.97 16.83
C LYS B 109 27.76 -24.30 15.34
N ASP B 110 26.97 -25.30 14.97
CA ASP B 110 26.92 -25.84 13.61
C ASP B 110 25.71 -25.24 12.87
N VAL B 111 25.97 -24.27 12.00
CA VAL B 111 24.93 -23.66 11.17
C VAL B 111 25.05 -24.24 9.76
N ARG B 112 23.96 -24.86 9.27
CA ARG B 112 23.98 -25.55 7.98
C ARG B 112 23.33 -24.77 6.87
N PHE B 113 22.33 -23.94 7.19
CA PHE B 113 21.56 -23.31 6.14
C PHE B 113 21.01 -21.99 6.65
N VAL B 114 21.19 -20.94 5.86
CA VAL B 114 20.58 -19.63 6.11
C VAL B 114 19.77 -19.29 4.87
N GLY B 115 18.47 -19.08 5.04
CA GLY B 115 17.61 -18.79 3.92
C GLY B 115 17.02 -17.40 4.01
N LEU B 116 17.41 -16.51 3.07
CA LEU B 116 16.86 -15.15 2.96
C LEU B 116 15.75 -15.15 1.92
N ILE B 117 14.51 -14.92 2.35
CA ILE B 117 13.37 -14.92 1.44
C ILE B 117 13.18 -13.47 1.02
N ASP B 118 13.82 -13.12 -0.11
CA ASP B 118 13.77 -11.79 -0.72
C ASP B 118 14.12 -10.68 0.27
N ALA B 119 15.09 -10.96 1.13
CA ALA B 119 15.58 -9.96 2.09
C ALA B 119 16.62 -9.10 1.39
N VAL B 120 16.16 -8.28 0.44
CA VAL B 120 17.05 -7.66 -0.54
C VAL B 120 17.41 -6.24 -0.10
N ARG B 121 18.71 -5.93 -0.10
CA ARG B 121 19.21 -4.62 0.27
C ARG B 121 18.87 -3.58 -0.79
N ALA B 122 18.79 -2.32 -0.37
CA ALA B 122 18.56 -1.23 -1.32
C ALA B 122 19.65 -1.24 -2.38
N GLY B 123 19.26 -0.98 -3.62
CA GLY B 123 20.23 -1.01 -4.72
C GLY B 123 21.24 0.11 -4.67
N GLU B 124 20.96 1.14 -3.88
CA GLU B 124 21.85 2.27 -3.70
C GLU B 124 21.93 2.52 -2.21
N GLU B 125 23.11 2.93 -1.75
CA GLU B 125 23.26 3.32 -0.35
C GLU B 125 22.21 4.36 0.02
N ILE B 126 21.57 4.18 1.18
CA ILE B 126 20.67 5.19 1.73
C ILE B 126 21.51 6.16 2.56
N PRO B 127 21.65 7.41 2.15
CA PRO B 127 22.48 8.34 2.93
C PRO B 127 21.81 8.68 4.24
N GLN B 128 22.63 9.00 5.24
CA GLN B 128 22.18 9.37 6.58
C GLN B 128 22.40 10.87 6.70
N THR B 129 21.51 11.64 6.06
CA THR B 129 21.62 13.09 5.97
C THR B 129 20.32 13.72 6.45
N LYS B 130 20.41 15.01 6.81
CA LYS B 130 19.21 15.75 7.21
C LYS B 130 18.16 15.74 6.12
N GLU B 131 18.58 15.91 4.86
CA GLU B 131 17.62 15.93 3.76
C GLU B 131 16.88 14.60 3.66
N GLU B 132 17.59 13.47 3.81
CA GLU B 132 16.93 12.17 3.71
C GLU B 132 15.98 11.93 4.88
N ILE B 133 16.40 12.30 6.10
CA ILE B 133 15.51 12.19 7.26
C ILE B 133 14.23 12.97 7.02
N ARG B 134 14.38 14.22 6.59
CA ARG B 134 13.23 15.06 6.26
C ARG B 134 12.31 14.39 5.26
N LYS B 135 12.87 13.95 4.11
CA LYS B 135 12.03 13.36 3.07
C LYS B 135 11.33 12.12 3.56
N ARG B 136 12.05 11.27 4.29
CA ARG B 136 11.48 10.05 4.84
C ARG B 136 10.26 10.33 5.70
N TRP B 137 10.35 11.32 6.59
CA TRP B 137 9.23 11.63 7.45
C TRP B 137 8.10 12.33 6.70
N ASP B 138 8.44 13.08 5.64
CA ASP B 138 7.38 13.65 4.82
C ASP B 138 6.66 12.55 4.05
N ARG B 139 7.40 11.55 3.56
CA ARG B 139 6.74 10.42 2.90
C ARG B 139 5.87 9.64 3.88
N TYR B 140 6.33 9.46 5.12
CA TYR B 140 5.48 8.82 6.11
C TYR B 140 4.25 9.67 6.42
N ALA B 141 4.42 10.99 6.47
CA ALA B 141 3.28 11.88 6.70
C ALA B 141 2.21 11.71 5.64
N ALA B 142 2.63 11.57 4.38
CA ALA B 142 1.66 11.36 3.30
C ALA B 142 0.96 10.02 3.48
N PHE B 143 1.71 8.98 3.85
CA PHE B 143 1.11 7.68 4.11
C PHE B 143 0.11 7.78 5.25
N ALA B 144 0.48 8.47 6.33
CA ALA B 144 -0.38 8.52 7.50
C ALA B 144 -1.64 9.36 7.24
N GLU B 145 -1.56 10.33 6.33
CA GLU B 145 -2.74 11.10 5.99
C GLU B 145 -3.73 10.27 5.19
N LYS B 146 -3.25 9.57 4.15
CA LYS B 146 -4.13 8.73 3.35
C LYS B 146 -4.64 7.52 4.14
N THR B 147 -3.88 7.05 5.12
CA THR B 147 -4.22 5.80 5.79
C THR B 147 -5.05 6.01 7.04
N PHE B 148 -4.64 6.91 7.93
CA PHE B 148 -5.30 7.11 9.21
C PHE B 148 -6.06 8.43 9.28
N ASN B 149 -6.15 9.17 8.17
CA ASN B 149 -6.77 10.49 8.16
C ASN B 149 -6.23 11.36 9.29
N VAL B 150 -4.91 11.36 9.41
CA VAL B 150 -4.23 12.08 10.48
C VAL B 150 -3.11 12.92 9.87
N THR B 151 -2.94 14.12 10.39
CA THR B 151 -1.87 15.01 9.98
C THR B 151 -0.78 14.88 11.03
N ILE B 152 0.36 14.31 10.63
CA ILE B 152 1.45 14.09 11.58
C ILE B 152 2.32 15.33 11.63
N PRO B 153 2.80 15.70 12.80
CA PRO B 153 3.71 16.86 12.90
C PRO B 153 5.05 16.55 12.26
N ALA B 154 5.78 17.63 11.96
CA ALA B 154 7.10 17.55 11.35
C ALA B 154 8.13 17.97 12.38
N ILE B 155 9.31 17.35 12.31
CA ILE B 155 10.40 17.63 13.25
C ILE B 155 11.14 18.87 12.79
N PRO B 156 11.51 19.79 13.69
CA PRO B 156 12.27 20.98 13.26
C PRO B 156 13.56 20.59 12.54
N TYR B 157 13.89 21.37 11.50
CA TYR B 157 15.00 21.03 10.62
C TYR B 157 16.29 20.73 11.39
N GLU B 158 16.62 21.55 12.38
CA GLU B 158 17.89 21.41 13.06
C GLU B 158 17.85 20.41 14.20
N GLN B 159 16.72 19.70 14.38
CA GLN B 159 16.66 18.57 15.30
C GLN B 159 16.65 17.23 14.58
N LEU B 160 16.64 17.21 13.26
CA LEU B 160 16.55 15.96 12.51
C LEU B 160 17.70 15.02 12.84
N GLU B 161 18.91 15.55 12.97
CA GLU B 161 20.04 14.70 13.33
C GLU B 161 20.29 14.66 14.83
N GLU B 162 19.46 15.33 15.63
CA GLU B 162 19.56 15.25 17.08
C GLU B 162 18.75 14.10 17.67
N LEU B 163 17.86 13.48 16.89
CA LEU B 163 17.01 12.38 17.34
C LEU B 163 17.38 11.13 16.55
N ASP B 164 17.55 10.01 17.25
CA ASP B 164 17.70 8.75 16.55
C ASP B 164 16.33 8.26 16.10
N ASP B 165 16.30 7.07 15.47
CA ASP B 165 15.05 6.53 14.94
C ASP B 165 13.99 6.40 16.03
N GLU B 166 14.36 5.81 17.16
CA GLU B 166 13.43 5.73 18.28
C GLU B 166 12.97 7.11 18.73
N GLY B 167 13.91 8.04 18.88
CA GLY B 167 13.56 9.37 19.33
C GLY B 167 12.67 10.11 18.34
N GLN B 168 12.90 9.89 17.04
CA GLN B 168 12.03 10.47 16.02
C GLN B 168 10.61 9.94 16.14
N VAL B 169 10.46 8.62 16.33
CA VAL B 169 9.14 8.05 16.53
C VAL B 169 8.51 8.59 17.81
N ARG B 170 9.31 8.69 18.88
CA ARG B 170 8.80 9.27 20.13
C ARG B 170 8.33 10.71 19.92
N PHE B 171 9.12 11.52 19.20
CA PHE B 171 8.69 12.89 18.91
C PHE B 171 7.35 12.89 18.19
N VAL B 172 7.18 12.05 17.20
CA VAL B 172 5.94 12.01 16.44
C VAL B 172 4.83 11.51 17.29
N LEU B 173 5.04 10.52 18.11
CA LEU B 173 3.99 10.10 19.03
C LEU B 173 3.65 11.23 20.05
N ASP B 174 4.67 11.90 20.56
CA ASP B 174 4.46 12.96 21.56
C ASP B 174 3.60 14.06 21.03
N ALA B 175 3.89 14.47 19.81
CA ALA B 175 3.10 15.48 19.19
C ALA B 175 1.76 15.00 18.85
N VAL B 176 1.56 13.73 18.54
CA VAL B 176 0.22 13.26 18.22
C VAL B 176 -0.91 13.26 19.23
N SER B 177 -0.76 12.77 20.45
CA SER B 177 -1.93 12.66 21.30
C SER B 177 -2.10 13.86 22.20
N ILE B 183 -5.97 6.68 20.79
CA ILE B 183 -5.77 5.63 19.79
C ILE B 183 -5.38 4.34 20.49
N PRO B 184 -6.00 3.23 20.08
CA PRO B 184 -5.68 1.94 20.70
C PRO B 184 -4.21 1.59 20.51
N ALA B 185 -3.62 1.04 21.58
CA ALA B 185 -2.19 0.73 21.58
C ALA B 185 -1.80 -0.16 20.42
N GLY B 186 -2.68 -1.10 20.04
CA GLY B 186 -2.35 -2.00 18.94
C GLY B 186 -2.13 -1.28 17.62
N ILE B 187 -2.92 -0.23 17.35
CA ILE B 187 -2.76 0.50 16.11
C ILE B 187 -1.49 1.34 16.12
N ILE B 188 -1.25 2.04 17.24
CA ILE B 188 -0.03 2.83 17.39
C ILE B 188 1.19 1.91 17.37
N GLU B 189 1.13 0.82 18.13
CA GLU B 189 2.28 -0.06 18.24
C GLU B 189 2.59 -0.72 16.91
N HIS B 190 1.57 -1.03 16.11
CA HIS B 190 1.84 -1.57 14.79
C HIS B 190 2.59 -0.56 13.93
N GLN B 191 2.28 0.73 14.09
CA GLN B 191 3.00 1.78 13.35
C GLN B 191 4.41 1.93 13.87
N ARG B 192 4.58 1.97 15.19
CA ARG B 192 5.92 2.09 15.77
C ARG B 192 6.81 0.93 15.32
N THR B 193 6.32 -0.32 15.46
CA THR B 193 7.15 -1.48 15.12
C THR B 193 7.37 -1.58 13.61
N SER B 194 6.35 -1.28 12.80
CA SER B 194 6.54 -1.30 11.35
C SER B 194 7.61 -0.29 10.93
N TYR B 195 7.56 0.92 11.48
CA TYR B 195 8.55 1.93 11.13
C TYR B 195 9.95 1.52 11.57
N LEU B 196 10.09 1.13 12.84
CA LEU B 196 11.42 0.79 13.37
C LEU B 196 11.98 -0.47 12.71
N ASP B 197 11.13 -1.45 12.42
CA ASP B 197 11.62 -2.68 11.80
C ASP B 197 12.04 -2.44 10.35
N ASN B 198 11.30 -1.58 9.63
CA ASN B 198 11.75 -1.22 8.29
C ASN B 198 13.05 -0.41 8.34
N ARG B 199 13.18 0.50 9.31
CA ARG B 199 14.44 1.21 9.49
C ARG B 199 15.56 0.27 9.91
N ALA B 200 15.24 -0.79 10.65
CA ALA B 200 16.28 -1.74 11.01
C ALA B 200 16.84 -2.42 9.77
N ILE B 201 16.01 -2.62 8.74
CA ILE B 201 16.52 -3.11 7.47
C ILE B 201 17.42 -2.08 6.81
N ASP B 202 16.94 -0.82 6.76
CA ASP B 202 17.67 0.27 6.12
C ASP B 202 19.07 0.45 6.68
N THR B 203 19.21 0.38 8.00
CA THR B 203 20.43 0.77 8.68
C THR B 203 21.30 -0.43 9.06
N ALA B 204 20.93 -1.64 8.62
CA ALA B 204 21.66 -2.84 9.03
C ALA B 204 23.10 -2.80 8.54
N GLN B 205 24.04 -3.16 9.42
CA GLN B 205 25.45 -3.22 9.05
C GLN B 205 25.79 -4.70 8.89
N ILE B 206 25.96 -5.12 7.64
CA ILE B 206 26.14 -6.54 7.34
C ILE B 206 27.57 -6.93 7.67
N GLN B 207 27.72 -7.97 8.46
CA GLN B 207 29.02 -8.53 8.79
C GLN B 207 29.35 -9.70 7.88
N PRO B 208 30.64 -10.04 7.74
CA PRO B 208 31.00 -11.20 6.93
C PRO B 208 30.51 -12.49 7.55
N TYR B 209 30.07 -13.41 6.70
CA TYR B 209 29.63 -14.72 7.13
C TYR B 209 30.26 -15.77 6.23
N ASP B 210 31.07 -16.65 6.84
CA ASP B 210 31.76 -17.73 6.14
C ASP B 210 30.89 -18.98 6.24
N GLY B 211 29.91 -19.07 5.34
CA GLY B 211 28.95 -20.16 5.38
C GLY B 211 27.97 -20.03 4.23
N HIS B 212 27.12 -21.04 4.11
CA HIS B 212 26.17 -21.11 3.01
C HIS B 212 24.95 -20.24 3.30
N VAL B 213 24.57 -19.42 2.33
CA VAL B 213 23.37 -18.60 2.40
C VAL B 213 22.64 -18.73 1.06
N THR B 214 21.35 -19.03 1.10
CA THR B 214 20.52 -19.00 -0.09
C THR B 214 19.66 -17.74 -0.07
N LEU B 215 19.76 -16.91 -1.12
CA LEU B 215 18.87 -15.78 -1.30
C LEU B 215 17.83 -16.15 -2.35
N TYR B 216 16.57 -16.23 -1.92
CA TYR B 216 15.44 -16.38 -2.84
C TYR B 216 15.04 -14.97 -3.27
N MET B 217 15.29 -14.63 -4.53
CA MET B 217 15.20 -13.26 -4.99
C MET B 217 13.98 -13.07 -5.88
N ALA B 218 13.04 -12.23 -5.44
CA ALA B 218 11.92 -11.83 -6.27
C ALA B 218 12.36 -10.80 -7.30
N ASP B 219 11.39 -10.38 -8.14
CA ASP B 219 11.68 -9.41 -9.19
C ASP B 219 11.79 -7.99 -8.66
N ARG B 220 10.96 -7.61 -7.69
CA ARG B 220 10.98 -6.22 -7.25
C ARG B 220 10.32 -6.08 -5.89
N TYR B 221 10.62 -4.96 -5.24
CA TYR B 221 9.84 -4.55 -4.09
C TYR B 221 8.46 -4.06 -4.52
N HIS B 222 7.50 -4.21 -3.63
CA HIS B 222 6.14 -3.73 -3.88
C HIS B 222 6.11 -2.19 -3.82
N ASP B 223 5.01 -1.63 -4.35
CA ASP B 223 4.90 -0.17 -4.51
C ASP B 223 5.06 0.58 -3.19
N ASP B 224 4.42 0.10 -2.11
CA ASP B 224 4.47 0.81 -0.83
C ASP B 224 5.90 0.95 -0.34
N ALA B 225 6.70 -0.10 -0.51
CA ALA B 225 8.10 -0.02 -0.12
C ALA B 225 8.80 1.09 -0.87
N ILE B 226 8.55 1.18 -2.17
CA ILE B 226 9.23 2.17 -3.00
C ILE B 226 8.81 3.56 -2.61
N MET B 227 7.53 3.74 -2.28
CA MET B 227 7.06 5.06 -1.88
C MET B 227 7.72 5.53 -0.58
N PHE B 228 8.02 4.60 0.34
CA PHE B 228 8.67 4.99 1.59
C PHE B 228 10.14 5.31 1.36
N GLU B 229 10.78 4.59 0.45
CA GLU B 229 12.22 4.73 0.22
C GLU B 229 12.47 4.36 -1.24
N PRO B 230 12.63 5.35 -2.12
CA PRO B 230 12.76 5.07 -3.56
C PRO B 230 13.98 4.25 -3.92
N ARG B 231 15.00 4.18 -3.06
CA ARG B 231 16.16 3.42 -3.47
C ARG B 231 15.93 1.92 -3.50
N TYR B 232 14.82 1.44 -2.96
CA TYR B 232 14.52 0.02 -3.10
C TYR B 232 13.98 -0.32 -4.48
N ALA B 233 13.77 0.67 -5.36
CA ALA B 233 13.41 0.36 -6.73
C ALA B 233 14.57 -0.26 -7.49
N VAL B 234 15.79 -0.08 -7.01
CA VAL B 234 16.99 -0.64 -7.63
C VAL B 234 17.40 -1.86 -6.83
N ARG B 235 17.79 -2.93 -7.54
CA ARG B 235 18.26 -4.16 -6.91
C ARG B 235 19.57 -4.58 -7.55
N GLN B 236 20.49 -5.03 -6.72
CA GLN B 236 21.70 -5.64 -7.26
C GLN B 236 21.47 -7.13 -7.52
N PRO B 237 22.22 -7.74 -8.43
CA PRO B 237 21.99 -9.17 -8.74
C PRO B 237 22.25 -10.10 -7.58
N ASP B 238 23.12 -9.71 -6.65
CA ASP B 238 23.37 -10.49 -5.44
C ASP B 238 22.51 -10.01 -4.26
N GLY B 239 21.57 -9.11 -4.51
CA GLY B 239 20.72 -8.56 -3.47
C GLY B 239 21.46 -7.73 -2.43
N GLY B 240 22.71 -7.39 -2.71
CA GLY B 240 23.56 -6.71 -1.75
C GLY B 240 24.33 -7.60 -0.79
N TRP B 241 24.28 -8.92 -0.97
CA TRP B 241 24.88 -9.83 -0.01
C TRP B 241 26.23 -10.40 -0.46
N GLY B 242 26.59 -10.26 -1.73
CA GLY B 242 27.74 -10.97 -2.25
C GLY B 242 29.07 -10.56 -1.65
N GLU B 243 29.21 -9.28 -1.26
CA GLU B 243 30.46 -8.84 -0.65
C GLU B 243 30.67 -9.43 0.73
N TYR B 244 29.63 -9.99 1.33
CA TYR B 244 29.68 -10.43 2.72
C TYR B 244 29.64 -11.93 2.93
N VAL B 245 29.20 -12.69 1.92
CA VAL B 245 28.90 -14.12 2.07
C VAL B 245 29.85 -14.91 1.19
N SER B 246 30.58 -15.86 1.79
CA SER B 246 31.55 -16.62 1.01
C SER B 246 30.85 -17.58 0.05
N ASP B 247 29.72 -18.17 0.45
CA ASP B 247 28.98 -19.13 -0.39
C ASP B 247 27.53 -18.65 -0.52
N LEU B 248 27.28 -17.76 -1.46
CA LEU B 248 25.95 -17.21 -1.69
C LEU B 248 25.32 -17.90 -2.88
N GLU B 249 24.13 -18.47 -2.67
CA GLU B 249 23.32 -19.08 -3.73
C GLU B 249 22.09 -18.23 -3.96
N VAL B 250 21.93 -17.71 -5.18
CA VAL B 250 20.79 -16.86 -5.53
C VAL B 250 19.82 -17.66 -6.38
N VAL B 251 18.60 -17.80 -5.89
CA VAL B 251 17.54 -18.57 -6.53
C VAL B 251 16.45 -17.60 -6.95
N PRO B 252 16.29 -17.32 -8.26
CA PRO B 252 15.24 -16.40 -8.69
C PRO B 252 13.86 -17.04 -8.50
N ILE B 253 12.92 -16.23 -8.00
CA ILE B 253 11.58 -16.76 -7.76
C ILE B 253 10.52 -15.87 -8.40
N GLY B 254 10.91 -14.73 -8.97
CA GLY B 254 9.95 -13.86 -9.63
C GLY B 254 9.01 -13.18 -8.64
N GLY B 255 8.01 -12.48 -9.18
CA GLY B 255 7.00 -11.83 -8.38
C GLY B 255 7.55 -10.62 -7.63
N GLU B 256 6.71 -10.07 -6.77
CA GLU B 256 7.14 -8.96 -5.93
C GLU B 256 7.30 -9.43 -4.49
N HIS B 257 7.86 -8.54 -3.67
CA HIS B 257 8.28 -8.90 -2.32
C HIS B 257 7.12 -9.46 -1.49
N ILE B 258 5.93 -8.87 -1.63
CA ILE B 258 4.80 -9.30 -0.80
C ILE B 258 4.29 -10.67 -1.23
N GLN B 259 4.45 -11.03 -2.50
CA GLN B 259 4.00 -12.32 -3.01
C GLN B 259 4.97 -13.45 -2.68
N ALA B 260 6.21 -13.10 -2.34
CA ALA B 260 7.26 -14.10 -2.18
C ALA B 260 6.95 -15.09 -1.06
N ILE B 261 6.21 -14.64 -0.05
CA ILE B 261 5.93 -15.44 1.14
C ILE B 261 4.71 -16.35 0.96
N ASP B 262 3.90 -16.14 -0.09
CA ASP B 262 2.63 -16.83 -0.26
C ASP B 262 2.65 -17.74 -1.48
N GLU B 263 1.63 -18.60 -1.58
CA GLU B 263 1.43 -19.39 -2.78
C GLU B 263 1.14 -18.45 -3.94
N PRO B 264 1.55 -18.79 -5.17
CA PRO B 264 2.27 -20.00 -5.57
C PRO B 264 3.79 -19.84 -5.48
N ILE B 265 4.28 -18.61 -5.27
CA ILE B 265 5.73 -18.41 -5.30
C ILE B 265 6.43 -19.20 -4.20
N ILE B 266 5.80 -19.31 -3.03
CA ILE B 266 6.44 -20.00 -1.92
C ILE B 266 6.65 -21.48 -2.24
N ALA B 267 5.91 -22.03 -3.21
CA ALA B 267 6.15 -23.42 -3.61
C ALA B 267 7.54 -23.56 -4.22
N LYS B 268 8.00 -22.54 -4.97
CA LYS B 268 9.37 -22.57 -5.50
C LYS B 268 10.40 -22.55 -4.38
N VAL B 269 10.19 -21.68 -3.39
CA VAL B 269 11.07 -21.63 -2.24
C VAL B 269 11.06 -22.97 -1.51
N GLY B 270 9.86 -23.50 -1.27
CA GLY B 270 9.76 -24.74 -0.51
C GLY B 270 10.37 -25.94 -1.22
N GLU B 271 10.20 -26.02 -2.55
CA GLU B 271 10.79 -27.15 -3.26
C GLU B 271 12.32 -27.10 -3.18
N HIS B 272 12.90 -25.91 -3.29
CA HIS B 272 14.35 -25.79 -3.18
C HIS B 272 14.82 -26.04 -1.75
N MET B 273 14.12 -25.48 -0.78
CA MET B 273 14.52 -25.65 0.62
C MET B 273 14.33 -27.10 1.07
N SER B 274 13.29 -27.78 0.58
CA SER B 274 13.11 -29.19 0.91
C SER B 274 14.29 -30.03 0.47
N ARG B 275 14.85 -29.74 -0.72
CA ARG B 275 16.04 -30.46 -1.17
C ARG B 275 17.23 -30.16 -0.28
N ALA B 276 17.39 -28.92 0.17
CA ALA B 276 18.48 -28.60 1.08
C ALA B 276 18.30 -29.35 2.39
N LEU B 277 17.07 -29.37 2.93
CA LEU B 277 16.80 -30.07 4.18
C LEU B 277 17.01 -31.57 4.03
N GLY B 278 16.60 -32.14 2.90
CA GLY B 278 16.78 -33.56 2.70
C GLY B 278 18.26 -33.92 2.70
N GLN B 279 19.10 -33.06 2.12
CA GLN B 279 20.54 -33.31 2.13
C GLN B 279 21.07 -33.24 3.55
N ILE B 280 20.62 -32.28 4.33
CA ILE B 280 21.08 -32.18 5.72
C ILE B 280 20.69 -33.44 6.49
N GLU B 281 19.44 -33.88 6.34
CA GLU B 281 19.02 -35.09 7.03
C GLU B 281 19.85 -36.30 6.59
N ALA B 282 20.11 -36.41 5.29
CA ALA B 282 20.97 -37.50 4.81
C ALA B 282 22.38 -37.38 5.39
N ASP B 283 22.89 -36.14 5.47
CA ASP B 283 24.24 -35.92 5.97
C ASP B 283 24.38 -36.29 7.44
N ARG B 284 23.34 -36.08 8.24
CA ARG B 284 23.47 -36.37 9.66
C ARG B 284 23.15 -37.82 10.00
N THR B 285 22.56 -38.57 9.08
CA THR B 285 22.18 -39.96 9.34
C THR B 285 23.37 -40.90 9.17
C15 7IJ C . -10.94 0.13 1.31
C14 7IJ C . -10.30 0.85 2.31
C12 7IJ C . -8.49 1.39 0.81
C4 7IJ C . -13.37 -2.63 -2.59
C3 7IJ C . -13.41 -3.08 -3.91
C11 7IJ C . -9.04 -0.10 -2.57
C16 7IJ C . -10.26 -1.77 -5.37
C13 7IJ C . -9.08 1.48 2.05
C7 7IJ C . -10.33 -0.79 -2.37
C5 7IJ C . -12.28 -1.86 -2.21
C8 7IJ C . -10.97 -0.71 -1.06
C1 7IJ C . -11.29 -2.03 -4.44
C2 7IJ C . -12.38 -2.81 -4.82
N1 7IJ C . -10.29 -0.46 -6.05
C10 7IJ C . -9.12 0.67 -0.20
C17 7IJ C . -11.40 -0.43 -7.00
C18 7IJ C . -11.43 0.92 -7.73
C19 7IJ C . -10.14 1.13 -8.53
C20 7IJ C . -8.93 0.96 -7.62
C21 7IJ C . -9.03 -0.33 -6.81
C6 7IJ C . -11.25 -1.57 -3.11
C9 7IJ C . -10.34 0.05 0.05
O1 7IJ C . -12.15 -1.35 -0.95
O2 7IJ C . -8.44 0.63 -1.49
O3 7IJ C . -8.40 -0.12 -3.72
O4 7IJ C . -12.50 -3.29 -6.08
O5 7IJ C . -8.45 2.17 2.99
C15 7IJ D . 5.73 2.23 8.39
C14 7IJ D . 4.43 1.85 8.70
C12 7IJ D . 4.33 0.42 6.77
C4 7IJ D . 10.77 3.59 7.04
C3 7IJ D . 11.85 3.48 6.20
C11 7IJ D . 7.49 0.48 4.84
C16 7IJ D . 10.68 1.10 3.60
C13 7IJ D . 3.75 0.95 7.90
C7 7IJ D . 8.29 1.43 5.64
C5 7IJ D . 9.62 2.84 6.75
C8 7IJ D . 7.70 2.01 6.85
C1 7IJ D . 10.68 1.90 4.76
C2 7IJ D . 11.81 2.67 5.06
N1 7IJ D . 11.06 -0.33 3.72
C10 7IJ D . 5.62 0.78 6.45
C17 7IJ D . 12.48 -0.47 4.01
C18 7IJ D . 12.79 -1.96 4.25
C19 7IJ D . 12.57 -2.72 2.96
C20 7IJ D . 11.14 -2.49 2.44
C21 7IJ D . 10.78 -1.00 2.44
C6 7IJ D . 9.57 2.02 5.62
C9 7IJ D . 6.32 1.67 7.25
O1 7IJ D . 8.50 2.88 7.53
O2 7IJ D . 6.17 0.16 5.25
O3 7IJ D . 7.91 -0.10 3.74
O4 7IJ D . 12.89 2.61 4.28
O5 7IJ D . 2.50 0.59 8.18
#